data_6N1E
#
_entry.id   6N1E
#
_cell.length_a   43.705
_cell.length_b   54.745
_cell.length_c   172.432
_cell.angle_alpha   90.000
_cell.angle_beta   90.000
_cell.angle_gamma   90.000
#
_symmetry.space_group_name_H-M   'P 21 21 21'
#
loop_
_entity.id
_entity.type
_entity.pdbx_description
1 polymer Phosphomannomutase/phosphoglucomutase
2 non-polymer 'MAGNESIUM ION'
3 non-polymer 1-deoxy-7-O-phosphono-alpha-D-gluco-hept-2-ulopyranose
4 water water
#
_entity_poly.entity_id   1
_entity_poly.type   'polypeptide(L)'
_entity_poly.pdbx_seq_one_letter_code
;MGSSHHHHHHSSGLVPRGSHMTLPAFKAYDIRGRVPDELNEDLARRIGVALAAQLDQGPVVLGHDVRLASPALQEALSAG
LRASGRDVIDIGLCGTEEVYFQTDYLKAAGGVMVTASHNPMDYNGMKLVREQARPISSDTGLFAIRDTVAADTAAPGEPT
ASEQSRTDKTAYLEHLLSYVDRSTLKPLKLVVNAGNGGAGLIVDLLAPHLPFEFVRVFHEPDGNFPNGIPNPLLPENRDA
TAKAVKDNGADFGIAWDGDFDRCFFFDHTGRFIEGYYLVGLLAQAILAKQPGGKVVHDPRLTWNTVEQVEEAGGIPVLCK
SGHAFIKEKMRSENAVYGGEMSAHHYFREFAYADSGMIPWLLIAELVSQSGRSLADLVEARMQKFPCSGEINFKVADAKA
SVARVMEHYASLSPELDYTDGISADFGQWRFNLRSSNTEPLLRLNVETRGDAALLETRTQEISNLLRG
;
_entity_poly.pdbx_strand_id   A
#
# COMPACT_ATOMS: atom_id res chain seq x y z
N MET A 21 -17.36 -26.00 0.61
CA MET A 21 -16.56 -24.94 -0.01
C MET A 21 -16.98 -23.58 0.52
N THR A 22 -16.17 -22.56 0.23
CA THR A 22 -16.48 -21.19 0.60
C THR A 22 -16.25 -20.29 -0.61
N LEU A 23 -16.86 -19.11 -0.56
CA LEU A 23 -16.69 -18.12 -1.62
C LEU A 23 -15.22 -17.75 -1.75
N PRO A 24 -14.57 -18.12 -2.86
CA PRO A 24 -13.13 -17.87 -2.99
C PRO A 24 -12.73 -16.41 -2.97
N ALA A 25 -13.64 -15.50 -3.30
CA ALA A 25 -13.27 -14.10 -3.39
C ALA A 25 -12.96 -13.48 -2.04
N PHE A 26 -13.39 -14.10 -0.94
CA PHE A 26 -13.13 -13.52 0.38
C PHE A 26 -11.75 -13.96 0.85
N LYS A 27 -10.79 -13.04 0.80
CA LYS A 27 -9.42 -13.32 1.15
C LYS A 27 -9.16 -12.86 2.58
N ALA A 28 -7.88 -12.94 2.99
CA ALA A 28 -7.52 -12.61 4.37
C ALA A 28 -7.84 -11.15 4.70
N TYR A 29 -7.61 -10.23 3.76
CA TYR A 29 -7.69 -8.82 4.05
C TYR A 29 -8.69 -8.06 3.20
N ASP A 30 -9.23 -8.67 2.16
CA ASP A 30 -10.15 -7.96 1.28
C ASP A 30 -10.88 -8.98 0.42
N ILE A 31 -11.71 -8.46 -0.49
CA ILE A 31 -12.46 -9.28 -1.42
C ILE A 31 -11.83 -9.10 -2.79
N ARG A 32 -11.54 -10.20 -3.47
CA ARG A 32 -10.89 -10.14 -4.78
C ARG A 32 -11.37 -11.32 -5.59
N GLY A 33 -11.86 -11.06 -6.80
CA GLY A 33 -12.38 -12.16 -7.58
C GLY A 33 -12.56 -11.81 -9.05
N ARG A 34 -12.57 -12.86 -9.86
CA ARG A 34 -12.92 -12.72 -11.26
C ARG A 34 -14.41 -12.38 -11.39
N VAL A 35 -14.71 -11.38 -12.21
CA VAL A 35 -16.09 -11.02 -12.54
C VAL A 35 -16.47 -11.78 -13.80
N PRO A 36 -17.63 -12.46 -13.85
CA PRO A 36 -18.67 -12.47 -12.80
C PRO A 36 -18.80 -13.74 -11.96
N ASP A 37 -17.93 -14.74 -12.14
CA ASP A 37 -18.17 -16.00 -11.45
C ASP A 37 -17.82 -15.94 -9.96
N GLU A 38 -16.78 -15.17 -9.59
CA GLU A 38 -16.39 -15.07 -8.19
C GLU A 38 -16.90 -13.80 -7.53
N LEU A 39 -17.28 -12.80 -8.31
CA LEU A 39 -17.73 -11.51 -7.81
C LEU A 39 -18.67 -10.92 -8.86
N ASN A 40 -19.84 -10.46 -8.42
CA ASN A 40 -20.87 -9.99 -9.33
C ASN A 40 -21.79 -9.04 -8.56
N GLU A 41 -22.77 -8.48 -9.26
CA GLU A 41 -23.64 -7.51 -8.63
C GLU A 41 -24.50 -8.13 -7.54
N ASP A 42 -24.90 -9.39 -7.68
CA ASP A 42 -25.73 -9.99 -6.65
C ASP A 42 -24.93 -10.22 -5.37
N LEU A 43 -23.69 -10.73 -5.51
CA LEU A 43 -22.82 -10.87 -4.34
C LEU A 43 -22.54 -9.51 -3.72
N ALA A 44 -22.35 -8.49 -4.56
CA ALA A 44 -22.05 -7.15 -4.04
C ALA A 44 -23.22 -6.61 -3.22
N ARG A 45 -24.44 -6.80 -3.72
CA ARG A 45 -25.61 -6.38 -2.96
C ARG A 45 -25.70 -7.13 -1.64
N ARG A 46 -25.45 -8.45 -1.67
CA ARG A 46 -25.49 -9.22 -0.43
C ARG A 46 -24.40 -8.77 0.54
N ILE A 47 -23.22 -8.42 0.01
CA ILE A 47 -22.15 -7.88 0.86
C ILE A 47 -22.61 -6.60 1.54
N GLY A 48 -23.34 -5.75 0.82
CA GLY A 48 -23.86 -4.54 1.43
C GLY A 48 -24.82 -4.81 2.56
N VAL A 49 -25.73 -5.76 2.37
CA VAL A 49 -26.65 -6.15 3.44
C VAL A 49 -25.87 -6.67 4.64
N ALA A 50 -24.90 -7.55 4.41
CA ALA A 50 -24.14 -8.14 5.51
C ALA A 50 -23.30 -7.09 6.22
N LEU A 51 -22.72 -6.16 5.47
CA LEU A 51 -21.91 -5.12 6.10
C LEU A 51 -22.74 -4.23 7.00
N ALA A 52 -23.97 -3.91 6.58
CA ALA A 52 -24.86 -3.11 7.43
C ALA A 52 -25.01 -3.74 8.81
N ALA A 53 -25.08 -5.07 8.88
CA ALA A 53 -25.31 -5.72 10.16
C ALA A 53 -24.06 -5.77 11.03
N GLN A 54 -22.89 -5.48 10.46
CA GLN A 54 -21.62 -5.57 11.17
C GLN A 54 -21.16 -4.23 11.75
N LEU A 55 -21.59 -3.11 11.18
CA LEU A 55 -21.07 -1.81 11.58
C LEU A 55 -21.83 -1.21 12.75
N ASP A 56 -21.16 -0.31 13.48
CA ASP A 56 -21.86 0.55 14.42
C ASP A 56 -22.78 1.49 13.64
N GLN A 57 -23.57 2.30 14.35
CA GLN A 57 -24.48 3.24 13.68
C GLN A 57 -23.70 4.25 12.84
N GLY A 58 -24.32 4.67 11.73
CA GLY A 58 -23.77 5.72 10.92
C GLY A 58 -23.85 5.42 9.43
N PRO A 59 -23.50 6.40 8.62
CA PRO A 59 -23.52 6.20 7.16
C PRO A 59 -22.28 5.45 6.69
N VAL A 60 -22.33 5.03 5.42
CA VAL A 60 -21.26 4.24 4.81
C VAL A 60 -20.77 4.96 3.55
N VAL A 61 -19.46 5.17 3.48
CA VAL A 61 -18.80 5.80 2.34
C VAL A 61 -18.51 4.75 1.27
N LEU A 62 -18.82 5.06 0.02
CA LEU A 62 -18.54 4.18 -1.10
C LEU A 62 -17.73 4.93 -2.14
N GLY A 63 -16.68 4.29 -2.65
CA GLY A 63 -15.94 4.82 -3.78
C GLY A 63 -15.51 3.69 -4.67
N HIS A 64 -15.00 4.04 -5.87
CA HIS A 64 -14.62 3.00 -6.82
C HIS A 64 -13.47 3.47 -7.68
N ASP A 65 -12.80 2.52 -8.31
CA ASP A 65 -11.65 2.79 -9.16
C ASP A 65 -12.08 2.81 -10.63
N VAL A 66 -11.10 2.79 -11.54
CA VAL A 66 -11.38 3.00 -12.97
C VAL A 66 -11.83 1.75 -13.71
N ARG A 67 -11.89 0.58 -13.05
CA ARG A 67 -12.27 -0.63 -13.77
CA ARG A 67 -12.25 -0.62 -13.79
C ARG A 67 -13.69 -0.52 -14.30
N LEU A 68 -13.92 -1.14 -15.46
CA LEU A 68 -15.19 -0.98 -16.15
C LEU A 68 -16.37 -1.46 -15.30
N ALA A 69 -16.20 -2.57 -14.59
CA ALA A 69 -17.29 -3.11 -13.78
C ALA A 69 -17.43 -2.44 -12.42
N SER A 70 -16.52 -1.53 -12.05
CA SER A 70 -16.56 -1.01 -10.70
C SER A 70 -17.80 -0.18 -10.38
N PRO A 71 -18.27 0.70 -11.28
CA PRO A 71 -19.48 1.46 -10.96
C PRO A 71 -20.66 0.59 -10.61
N ALA A 72 -20.87 -0.49 -11.38
CA ALA A 72 -22.04 -1.33 -11.17
C ALA A 72 -21.92 -2.10 -9.87
N LEU A 73 -20.71 -2.51 -9.50
CA LEU A 73 -20.56 -3.20 -8.23
C LEU A 73 -20.82 -2.23 -7.08
N GLN A 74 -20.37 -0.98 -7.20
CA GLN A 74 -20.67 -0.02 -6.14
C GLN A 74 -22.17 0.24 -6.04
N GLU A 75 -22.85 0.33 -7.18
CA GLU A 75 -24.29 0.56 -7.14
C GLU A 75 -25.03 -0.58 -6.43
N ALA A 76 -24.55 -1.82 -6.61
CA ALA A 76 -25.17 -2.97 -5.96
C ALA A 76 -24.92 -2.94 -4.45
N LEU A 77 -23.68 -2.70 -4.07
CA LEU A 77 -23.33 -2.46 -2.68
C LEU A 77 -24.26 -1.42 -2.07
N SER A 78 -24.42 -0.28 -2.76
CA SER A 78 -25.26 0.79 -2.24
C SER A 78 -26.71 0.32 -2.09
N ALA A 79 -27.21 -0.45 -3.06
CA ALA A 79 -28.57 -0.93 -2.99
C ALA A 79 -28.77 -1.83 -1.77
N GLY A 80 -27.80 -2.70 -1.48
CA GLY A 80 -27.92 -3.57 -0.33
C GLY A 80 -27.83 -2.81 0.99
N LEU A 81 -26.88 -1.88 1.08
CA LEU A 81 -26.77 -1.02 2.26
C LEU A 81 -28.06 -0.25 2.50
N ARG A 82 -28.57 0.40 1.47
CA ARG A 82 -29.78 1.21 1.68
C ARG A 82 -31.00 0.36 1.95
N ALA A 83 -31.06 -0.86 1.42
CA ALA A 83 -32.16 -1.75 1.77
C ALA A 83 -32.13 -2.08 3.26
N SER A 84 -30.95 -2.00 3.87
CA SER A 84 -30.76 -2.28 5.29
C SER A 84 -30.72 -1.02 6.13
N GLY A 85 -31.23 0.09 5.60
CA GLY A 85 -31.39 1.31 6.36
C GLY A 85 -30.14 2.17 6.50
N ARG A 86 -29.11 1.92 5.71
CA ARG A 86 -27.86 2.67 5.78
C ARG A 86 -27.86 3.83 4.78
N ASP A 87 -27.64 5.04 5.28
CA ASP A 87 -27.34 6.16 4.38
C ASP A 87 -25.99 5.89 3.71
N VAL A 88 -25.93 6.16 2.41
CA VAL A 88 -24.73 5.94 1.62
C VAL A 88 -24.19 7.29 1.19
N ILE A 89 -22.89 7.51 1.40
CA ILE A 89 -22.20 8.69 0.89
C ILE A 89 -21.33 8.24 -0.28
N ASP A 90 -21.75 8.59 -1.49
CA ASP A 90 -21.04 8.18 -2.70
C ASP A 90 -19.97 9.23 -3.02
N ILE A 91 -18.68 8.86 -2.81
CA ILE A 91 -17.62 9.80 -3.15
C ILE A 91 -17.10 9.62 -4.57
N GLY A 92 -17.66 8.69 -5.33
CA GLY A 92 -17.39 8.57 -6.75
C GLY A 92 -16.07 7.88 -7.07
N LEU A 93 -15.61 8.14 -8.31
CA LEU A 93 -14.34 7.61 -8.78
C LEU A 93 -13.21 8.21 -7.94
N CYS A 94 -12.39 7.37 -7.35
CA CYS A 94 -11.43 7.86 -6.37
C CYS A 94 -10.33 6.83 -6.17
N GLY A 95 -9.35 7.20 -5.37
CA GLY A 95 -8.37 6.23 -4.91
C GLY A 95 -8.80 5.58 -3.62
N THR A 96 -8.22 4.41 -3.35
CA THR A 96 -8.57 3.69 -2.12
C THR A 96 -8.36 4.58 -0.89
N GLU A 97 -7.29 5.37 -0.89
CA GLU A 97 -7.00 6.19 0.28
C GLU A 97 -8.06 7.26 0.49
N GLU A 98 -8.81 7.62 -0.56
CA GLU A 98 -9.88 8.59 -0.37
C GLU A 98 -11.07 7.99 0.35
N VAL A 99 -11.36 6.71 0.11
CA VAL A 99 -12.37 6.05 0.95
C VAL A 99 -11.93 6.06 2.41
N TYR A 100 -10.66 5.75 2.68
CA TYR A 100 -10.18 5.77 4.06
C TYR A 100 -10.33 7.17 4.64
N PHE A 101 -9.82 8.17 3.91
CA PHE A 101 -9.84 9.53 4.41
C PHE A 101 -11.26 10.01 4.69
N GLN A 102 -12.16 9.82 3.72
CA GLN A 102 -13.52 10.33 3.87
C GLN A 102 -14.31 9.55 4.93
N THR A 103 -14.08 8.24 5.03
CA THR A 103 -14.72 7.47 6.10
C THR A 103 -14.38 8.07 7.46
N ASP A 104 -13.12 8.46 7.65
CA ASP A 104 -12.72 9.05 8.91
C ASP A 104 -13.20 10.49 9.04
N TYR A 105 -12.98 11.28 7.98
CA TYR A 105 -13.29 12.70 7.99
C TYR A 105 -14.78 12.93 8.22
N LEU A 106 -15.63 12.16 7.53
CA LEU A 106 -17.07 12.31 7.66
C LEU A 106 -17.63 11.56 8.86
N LYS A 107 -16.78 10.98 9.70
CA LYS A 107 -17.24 10.22 10.88
C LYS A 107 -18.29 9.19 10.51
N ALA A 108 -18.01 8.46 9.43
CA ALA A 108 -18.90 7.42 8.93
C ALA A 108 -18.76 6.15 9.76
N ALA A 109 -19.79 5.29 9.66
CA ALA A 109 -19.73 3.97 10.28
C ALA A 109 -18.72 3.07 9.59
N GLY A 110 -18.41 3.34 8.33
CA GLY A 110 -17.54 2.47 7.57
C GLY A 110 -17.46 2.95 6.15
N GLY A 111 -16.74 2.17 5.36
CA GLY A 111 -16.57 2.52 3.96
C GLY A 111 -16.14 1.31 3.18
N VAL A 112 -16.42 1.36 1.88
CA VAL A 112 -16.02 0.32 0.94
C VAL A 112 -15.44 0.97 -0.30
N MET A 113 -14.25 0.54 -0.70
CA MET A 113 -13.64 0.87 -1.98
C MET A 113 -13.83 -0.31 -2.92
N VAL A 114 -14.44 -0.08 -4.08
CA VAL A 114 -14.54 -1.09 -5.12
C VAL A 114 -13.29 -0.96 -5.98
N THR A 115 -12.44 -1.99 -5.95
CA THR A 115 -11.18 -1.91 -6.68
C THR A 115 -10.59 -3.30 -6.82
N ALA A 116 -9.82 -3.51 -7.88
CA ALA A 116 -8.92 -4.66 -7.95
C ALA A 116 -7.47 -4.22 -8.00
N SER A 117 -7.19 -2.97 -7.61
CA SER A 117 -5.84 -2.47 -7.41
C SER A 117 -4.97 -2.64 -8.65
N HIS A 118 -4.35 -3.82 -8.77
CA HIS A 118 -3.34 -4.05 -9.80
C HIS A 118 -3.52 -5.40 -10.49
N ASN A 119 -4.69 -6.00 -10.36
CA ASN A 119 -4.96 -7.35 -10.86
C ASN A 119 -5.48 -7.29 -12.29
N PRO A 120 -5.59 -8.43 -12.97
CA PRO A 120 -5.99 -8.41 -14.39
C PRO A 120 -7.35 -7.75 -14.61
N MET A 121 -7.67 -7.57 -15.89
CA MET A 121 -8.83 -6.77 -16.27
C MET A 121 -10.15 -7.46 -15.96
N ASP A 122 -10.15 -8.79 -15.88
CA ASP A 122 -11.39 -9.51 -15.56
C ASP A 122 -11.60 -9.67 -14.06
N TYR A 123 -10.81 -9.00 -13.24
CA TYR A 123 -10.92 -9.10 -11.79
C TYR A 123 -11.45 -7.80 -11.21
N ASN A 124 -12.13 -7.91 -10.07
CA ASN A 124 -12.46 -6.75 -9.28
C ASN A 124 -12.41 -7.17 -7.81
N GLY A 125 -12.88 -6.29 -6.94
CA GLY A 125 -12.73 -6.55 -5.53
C GLY A 125 -13.24 -5.40 -4.70
N MET A 126 -13.08 -5.57 -3.38
CA MET A 126 -13.55 -4.59 -2.41
C MET A 126 -12.59 -4.54 -1.24
N LYS A 127 -12.34 -3.33 -0.73
CA LYS A 127 -11.64 -3.14 0.54
C LYS A 127 -12.61 -2.50 1.51
N LEU A 128 -12.78 -3.12 2.69
CA LEU A 128 -13.82 -2.74 3.62
C LEU A 128 -13.17 -2.20 4.89
N VAL A 129 -13.72 -1.09 5.41
CA VAL A 129 -13.26 -0.52 6.68
C VAL A 129 -14.47 -0.14 7.52
N ARG A 130 -14.25 -0.02 8.83
CA ARG A 130 -15.29 0.43 9.75
C ARG A 130 -14.90 1.82 10.25
N GLU A 131 -15.32 2.17 11.48
CA GLU A 131 -15.14 3.52 11.97
C GLU A 131 -13.65 3.89 12.01
N GLN A 132 -13.35 5.17 11.75
CA GLN A 132 -11.97 5.67 11.65
CA GLN A 132 -11.98 5.67 11.65
C GLN A 132 -11.15 4.92 10.61
N ALA A 133 -11.82 4.30 9.63
CA ALA A 133 -11.16 3.54 8.56
C ALA A 133 -10.36 2.36 9.11
N ARG A 134 -10.77 1.83 10.26
CA ARG A 134 -10.11 0.64 10.78
C ARG A 134 -10.41 -0.54 9.85
N PRO A 135 -9.42 -1.38 9.57
CA PRO A 135 -9.65 -2.46 8.59
C PRO A 135 -10.65 -3.50 9.09
N ILE A 136 -11.44 -4.02 8.14
CA ILE A 136 -12.24 -5.22 8.33
C ILE A 136 -11.55 -6.35 7.60
N SER A 137 -11.01 -7.30 8.34
CA SER A 137 -10.23 -8.40 7.80
C SER A 137 -10.90 -9.72 8.17
N SER A 138 -10.33 -10.83 7.68
CA SER A 138 -10.98 -12.14 7.80
C SER A 138 -11.41 -12.44 9.22
N ASP A 139 -10.55 -12.16 10.21
CA ASP A 139 -10.86 -12.46 11.60
C ASP A 139 -11.45 -11.28 12.36
N THR A 140 -11.69 -10.16 11.70
CA THR A 140 -12.29 -9.00 12.34
C THR A 140 -13.56 -8.57 11.59
N GLY A 141 -14.27 -9.53 11.01
CA GLY A 141 -15.53 -9.20 10.41
C GLY A 141 -15.71 -9.67 8.98
N LEU A 142 -14.63 -9.82 8.22
CA LEU A 142 -14.77 -10.13 6.80
C LEU A 142 -15.32 -11.53 6.58
N PHE A 143 -14.87 -12.50 7.37
CA PHE A 143 -15.40 -13.85 7.21
C PHE A 143 -16.78 -13.99 7.82
N ALA A 144 -17.11 -13.19 8.83
CA ALA A 144 -18.50 -13.11 9.28
C ALA A 144 -19.39 -12.65 8.13
N ILE A 145 -18.94 -11.61 7.42
CA ILE A 145 -19.67 -11.14 6.25
C ILE A 145 -19.76 -12.24 5.20
N ARG A 146 -18.64 -12.89 4.92
CA ARG A 146 -18.64 -13.96 3.93
C ARG A 146 -19.71 -15.01 4.26
N ASP A 147 -19.72 -15.48 5.51
CA ASP A 147 -20.66 -16.54 5.88
C ASP A 147 -22.10 -16.06 5.84
N THR A 148 -22.34 -14.78 6.18
CA THR A 148 -23.68 -14.22 6.05
C THR A 148 -24.11 -14.18 4.59
N VAL A 149 -23.25 -13.64 3.72
CA VAL A 149 -23.51 -13.60 2.29
C VAL A 149 -23.74 -14.99 1.73
N ALA A 150 -22.94 -15.97 2.18
CA ALA A 150 -23.04 -17.32 1.64
C ALA A 150 -24.39 -17.94 1.94
N ALA A 151 -24.98 -17.60 3.08
CA ALA A 151 -26.24 -18.20 3.51
C ALA A 151 -27.46 -17.37 3.11
N ASP A 152 -27.26 -16.18 2.56
CA ASP A 152 -28.34 -15.24 2.31
C ASP A 152 -29.10 -15.62 1.04
N THR A 153 -30.27 -16.24 1.21
CA THR A 153 -31.19 -16.49 0.11
C THR A 153 -32.41 -15.59 0.18
N ALA A 154 -32.38 -14.56 1.02
CA ALA A 154 -33.52 -13.68 1.22
C ALA A 154 -33.75 -12.83 -0.02
N ALA A 155 -35.01 -12.44 -0.21
CA ALA A 155 -35.36 -11.55 -1.29
C ALA A 155 -34.72 -10.19 -1.06
N PRO A 156 -34.19 -9.55 -2.11
CA PRO A 156 -33.63 -8.21 -1.93
C PRO A 156 -34.70 -7.23 -1.50
N GLY A 157 -34.49 -6.60 -0.35
CA GLY A 157 -35.43 -5.61 0.12
C GLY A 157 -35.34 -4.35 -0.71
N GLU A 158 -36.23 -3.43 -0.41
CA GLU A 158 -36.16 -2.16 -1.13
C GLU A 158 -35.50 -1.10 -0.27
N PRO A 159 -34.95 -0.04 -0.89
CA PRO A 159 -34.20 0.95 -0.11
C PRO A 159 -35.06 1.67 0.93
N THR A 160 -34.52 1.76 2.14
CA THR A 160 -35.14 2.50 3.24
C THR A 160 -34.24 3.64 3.70
N ALA A 161 -33.20 3.96 2.94
CA ALA A 161 -32.28 5.02 3.27
C ALA A 161 -31.84 5.69 1.97
N SER A 162 -31.16 6.82 2.11
CA SER A 162 -30.84 7.68 0.99
C SER A 162 -29.39 7.49 0.55
N GLU A 163 -29.09 7.92 -0.67
CA GLU A 163 -27.72 8.10 -1.13
C GLU A 163 -27.49 9.59 -1.38
N GLN A 164 -26.37 10.11 -0.88
CA GLN A 164 -25.91 11.45 -1.22
C GLN A 164 -24.63 11.31 -2.02
N SER A 165 -24.52 12.10 -3.08
CA SER A 165 -23.28 12.19 -3.86
C SER A 165 -22.41 13.29 -3.26
N ARG A 166 -21.18 12.94 -2.85
CA ARG A 166 -20.26 13.92 -2.26
CA ARG A 166 -20.27 13.93 -2.27
C ARG A 166 -18.88 13.69 -2.88
N THR A 167 -18.65 14.31 -4.03
CA THR A 167 -17.40 14.15 -4.76
C THR A 167 -16.40 15.26 -4.46
N ASP A 168 -16.73 16.23 -3.62
CA ASP A 168 -15.78 17.28 -3.26
C ASP A 168 -14.52 16.68 -2.66
N LYS A 169 -13.37 17.00 -3.26
CA LYS A 169 -12.09 16.47 -2.78
C LYS A 169 -11.29 17.50 -1.99
N THR A 170 -11.88 18.66 -1.70
CA THR A 170 -11.13 19.79 -1.14
C THR A 170 -10.47 19.43 0.19
N ALA A 171 -11.23 18.85 1.13
CA ALA A 171 -10.67 18.45 2.41
C ALA A 171 -9.50 17.49 2.23
N TYR A 172 -9.66 16.51 1.33
CA TYR A 172 -8.59 15.53 1.08
C TYR A 172 -7.36 16.21 0.49
N LEU A 173 -7.56 17.08 -0.50
CA LEU A 173 -6.43 17.80 -1.10
C LEU A 173 -5.73 18.69 -0.09
N GLU A 174 -6.50 19.41 0.73
CA GLU A 174 -5.88 20.24 1.75
C GLU A 174 -5.09 19.40 2.72
N HIS A 175 -5.61 18.21 3.05
CA HIS A 175 -4.92 17.35 3.99
C HIS A 175 -3.59 16.88 3.40
N LEU A 176 -3.58 16.48 2.13
CA LEU A 176 -2.33 16.09 1.49
C LEU A 176 -1.32 17.22 1.54
N LEU A 177 -1.76 18.44 1.24
CA LEU A 177 -0.83 19.55 1.15
C LEU A 177 -0.31 19.94 2.52
N SER A 178 -1.01 19.56 3.59
CA SER A 178 -0.60 19.96 4.92
C SER A 178 0.68 19.26 5.37
N TYR A 179 1.12 18.23 4.65
CA TYR A 179 2.35 17.53 5.00
C TYR A 179 3.62 18.26 4.55
N VAL A 180 3.50 19.31 3.74
CA VAL A 180 4.68 19.99 3.23
C VAL A 180 4.56 21.49 3.44
N ASP A 181 5.71 22.13 3.62
CA ASP A 181 5.81 23.58 3.69
C ASP A 181 5.98 24.07 2.26
N ARG A 182 4.89 24.55 1.66
CA ARG A 182 4.93 24.83 0.24
C ARG A 182 5.88 25.97 -0.11
N SER A 183 6.17 26.86 0.84
CA SER A 183 7.13 27.94 0.57
C SER A 183 8.56 27.42 0.44
N THR A 184 8.84 26.19 0.87
CA THR A 184 10.17 25.61 0.73
C THR A 184 10.33 24.73 -0.51
N LEU A 185 9.25 24.50 -1.24
CA LEU A 185 9.32 23.60 -2.39
C LEU A 185 10.03 24.28 -3.55
N LYS A 186 10.84 23.50 -4.26
CA LYS A 186 11.47 24.01 -5.46
C LYS A 186 10.72 23.52 -6.69
N PRO A 187 10.87 24.19 -7.83
CA PRO A 187 10.16 23.76 -9.05
C PRO A 187 10.81 22.54 -9.71
N LEU A 188 10.79 21.43 -8.98
CA LEU A 188 11.33 20.17 -9.48
C LEU A 188 10.52 19.73 -10.69
N LYS A 189 11.19 19.01 -11.59
CA LYS A 189 10.54 18.36 -12.72
C LYS A 189 10.31 16.91 -12.34
N LEU A 190 9.05 16.51 -12.28
CA LEU A 190 8.66 15.19 -11.80
C LEU A 190 7.92 14.45 -12.89
N VAL A 191 8.37 13.24 -13.21
CA VAL A 191 7.57 12.33 -14.04
C VAL A 191 6.51 11.70 -13.17
N VAL A 192 5.29 11.61 -13.68
CA VAL A 192 4.22 10.96 -12.95
C VAL A 192 3.57 9.97 -13.89
N ASN A 193 3.36 8.75 -13.41
CA ASN A 193 2.87 7.67 -14.27
C ASN A 193 1.72 6.97 -13.54
N ALA A 194 0.49 7.36 -13.89
CA ALA A 194 -0.70 6.79 -13.29
C ALA A 194 -1.00 5.40 -13.81
N GLY A 195 -0.32 4.96 -14.88
CA GLY A 195 -0.58 3.63 -15.42
C GLY A 195 -2.00 3.50 -15.94
N ASN A 196 -2.64 4.61 -16.28
CA ASN A 196 -4.04 4.69 -16.68
C ASN A 196 -5.00 4.30 -15.58
N GLY A 197 -4.50 4.23 -14.35
CA GLY A 197 -5.35 4.19 -13.17
C GLY A 197 -5.84 5.58 -12.81
N GLY A 198 -6.09 5.78 -11.51
CA GLY A 198 -6.74 6.98 -11.06
C GLY A 198 -5.87 8.09 -10.52
N ALA A 199 -4.55 7.90 -10.46
CA ALA A 199 -3.70 8.86 -9.75
C ALA A 199 -3.64 10.21 -10.45
N GLY A 200 -3.81 10.23 -11.78
CA GLY A 200 -3.60 11.46 -12.50
C GLY A 200 -4.58 12.54 -12.11
N LEU A 201 -5.81 12.14 -11.77
CA LEU A 201 -6.83 13.10 -11.35
CA LEU A 201 -6.82 13.10 -11.36
C LEU A 201 -6.37 13.88 -10.13
N ILE A 202 -5.75 13.20 -9.18
CA ILE A 202 -5.29 13.87 -7.95
C ILE A 202 -4.06 14.73 -8.23
N VAL A 203 -3.12 14.21 -9.03
CA VAL A 203 -1.97 15.03 -9.41
C VAL A 203 -2.44 16.34 -10.03
N ASP A 204 -3.38 16.25 -10.97
CA ASP A 204 -3.84 17.45 -11.67
C ASP A 204 -4.54 18.41 -10.73
N LEU A 205 -5.22 17.90 -9.71
CA LEU A 205 -5.87 18.78 -8.75
C LEU A 205 -4.88 19.40 -7.78
N LEU A 206 -3.78 18.71 -7.48
CA LEU A 206 -2.75 19.29 -6.63
C LEU A 206 -1.89 20.28 -7.38
N ALA A 207 -1.74 20.08 -8.69
CA ALA A 207 -0.75 20.83 -9.48
C ALA A 207 -0.88 22.35 -9.34
N PRO A 208 -2.08 22.95 -9.37
CA PRO A 208 -2.16 24.42 -9.23
C PRO A 208 -1.58 24.93 -7.93
N HIS A 209 -1.40 24.08 -6.93
CA HIS A 209 -0.93 24.48 -5.61
C HIS A 209 0.54 24.15 -5.40
N LEU A 210 1.22 23.63 -6.42
CA LEU A 210 2.60 23.19 -6.31
C LEU A 210 3.44 23.82 -7.42
N PRO A 211 4.73 24.01 -7.17
CA PRO A 211 5.59 24.62 -8.19
C PRO A 211 6.21 23.64 -9.18
N PHE A 212 5.93 22.34 -9.04
CA PHE A 212 6.57 21.34 -9.86
C PHE A 212 6.11 21.44 -11.32
N GLU A 213 7.00 21.02 -12.22
CA GLU A 213 6.64 20.76 -13.61
CA GLU A 213 6.63 20.76 -13.61
C GLU A 213 6.43 19.25 -13.75
N PHE A 214 5.22 18.86 -14.09
CA PHE A 214 4.89 17.44 -14.21
C PHE A 214 5.07 16.98 -15.65
N VAL A 215 5.71 15.83 -15.82
CA VAL A 215 5.77 15.11 -17.09
C VAL A 215 4.85 13.92 -16.94
N ARG A 216 3.72 13.93 -17.66
CA ARG A 216 2.64 12.97 -17.44
C ARG A 216 2.75 11.78 -18.39
N VAL A 217 2.89 10.58 -17.82
CA VAL A 217 2.95 9.34 -18.59
C VAL A 217 1.74 8.48 -18.26
N PHE A 218 1.15 7.86 -19.29
CA PHE A 218 -0.03 7.00 -19.13
C PHE A 218 -1.02 7.61 -18.14
N HIS A 219 -1.42 8.85 -18.44
CA HIS A 219 -2.06 9.72 -17.45
C HIS A 219 -3.57 9.57 -17.41
N GLU A 220 -4.20 9.31 -18.54
CA GLU A 220 -5.65 9.34 -18.59
C GLU A 220 -6.23 8.06 -17.99
N PRO A 221 -7.23 8.16 -17.14
CA PRO A 221 -7.86 6.95 -16.60
C PRO A 221 -8.53 6.17 -17.72
N ASP A 222 -8.25 4.86 -17.78
CA ASP A 222 -8.79 4.03 -18.86
C ASP A 222 -8.84 2.59 -18.37
N GLY A 223 -10.04 2.14 -18.00
CA GLY A 223 -10.25 0.78 -17.52
C GLY A 223 -9.96 -0.31 -18.53
N ASN A 224 -9.71 0.04 -19.79
CA ASN A 224 -9.26 -0.98 -20.74
C ASN A 224 -7.77 -1.17 -20.70
N PHE A 225 -7.05 -0.28 -20.03
CA PHE A 225 -5.62 -0.41 -19.80
C PHE A 225 -4.83 -0.66 -21.08
N PRO A 226 -4.90 0.27 -22.03
CA PRO A 226 -4.21 0.08 -23.31
C PRO A 226 -2.69 -0.06 -23.17
N ASN A 227 -2.12 0.41 -22.07
CA ASN A 227 -0.68 0.33 -21.85
C ASN A 227 -0.30 -0.73 -20.84
N GLY A 228 -1.23 -1.62 -20.52
CA GLY A 228 -0.99 -2.69 -19.58
C GLY A 228 -1.63 -2.41 -18.22
N ILE A 229 -1.85 -3.50 -17.48
CA ILE A 229 -2.42 -3.46 -16.14
C ILE A 229 -1.60 -2.52 -15.27
N PRO A 230 -2.24 -1.70 -14.41
CA PRO A 230 -1.47 -0.74 -13.62
C PRO A 230 -0.71 -1.40 -12.48
N ASN A 231 0.44 -1.98 -12.81
CA ASN A 231 1.32 -2.66 -11.84
C ASN A 231 2.75 -2.19 -12.10
N PRO A 232 3.21 -1.18 -11.37
CA PRO A 232 4.56 -0.63 -11.62
C PRO A 232 5.70 -1.58 -11.27
N LEU A 233 5.43 -2.76 -10.72
CA LEU A 233 6.50 -3.71 -10.50
C LEU A 233 6.84 -4.51 -11.75
N LEU A 234 5.99 -4.47 -12.76
CA LEU A 234 6.29 -5.16 -14.01
C LEU A 234 7.42 -4.43 -14.71
N PRO A 235 8.55 -5.10 -15.01
CA PRO A 235 9.67 -4.41 -15.67
C PRO A 235 9.28 -3.59 -16.88
N GLU A 236 8.32 -4.05 -17.71
CA GLU A 236 8.01 -3.25 -18.89
C GLU A 236 7.33 -1.95 -18.49
N ASN A 237 6.54 -1.98 -17.41
CA ASN A 237 5.88 -0.76 -16.94
C ASN A 237 6.86 0.17 -16.23
N ARG A 238 7.81 -0.41 -15.47
CA ARG A 238 8.91 0.38 -14.93
C ARG A 238 9.62 1.16 -16.02
N ASP A 239 9.80 0.54 -17.19
CA ASP A 239 10.65 1.16 -18.20
C ASP A 239 10.01 2.41 -18.78
N ALA A 240 8.67 2.49 -18.81
CA ALA A 240 8.02 3.72 -19.27
C ALA A 240 8.33 4.89 -18.34
N THR A 241 8.35 4.63 -17.03
CA THR A 241 8.67 5.74 -16.11
C THR A 241 10.14 6.11 -16.22
N ALA A 242 11.03 5.11 -16.23
CA ALA A 242 12.45 5.36 -16.32
C ALA A 242 12.80 6.13 -17.58
N LYS A 243 12.21 5.74 -18.71
CA LYS A 243 12.53 6.40 -19.97
C LYS A 243 12.11 7.86 -19.92
N ALA A 244 10.93 8.12 -19.37
CA ALA A 244 10.45 9.50 -19.28
C ALA A 244 11.35 10.34 -18.37
N VAL A 245 11.85 9.76 -17.28
CA VAL A 245 12.74 10.50 -16.39
C VAL A 245 14.03 10.84 -17.13
N LYS A 246 14.65 9.84 -17.75
CA LYS A 246 15.92 10.05 -18.42
C LYS A 246 15.76 10.99 -19.61
N ASP A 247 14.71 10.78 -20.42
CA ASP A 247 14.56 11.59 -21.62
C ASP A 247 14.23 13.04 -21.32
N ASN A 248 13.64 13.34 -20.15
CA ASN A 248 13.28 14.69 -19.82
C ASN A 248 14.18 15.32 -18.77
N GLY A 249 15.22 14.63 -18.32
CA GLY A 249 16.04 15.17 -17.26
C GLY A 249 15.26 15.48 -16.00
N ALA A 250 14.31 14.62 -15.64
CA ALA A 250 13.48 14.88 -14.48
C ALA A 250 14.26 14.63 -13.20
N ASP A 251 13.86 15.33 -12.13
CA ASP A 251 14.50 15.14 -10.84
C ASP A 251 14.22 13.74 -10.31
N PHE A 252 12.97 13.27 -10.41
CA PHE A 252 12.66 11.86 -10.15
C PHE A 252 11.32 11.55 -10.81
N GLY A 253 10.97 10.27 -10.80
CA GLY A 253 9.69 9.82 -11.31
C GLY A 253 8.92 9.06 -10.25
N ILE A 254 7.59 9.07 -10.40
CA ILE A 254 6.66 8.43 -9.47
C ILE A 254 5.67 7.65 -10.32
N ALA A 255 5.43 6.40 -9.94
CA ALA A 255 4.41 5.57 -10.57
C ALA A 255 3.51 5.01 -9.50
N TRP A 256 2.25 4.76 -9.84
CA TRP A 256 1.29 4.25 -8.87
C TRP A 256 0.62 3.00 -9.41
N ASP A 257 0.10 2.17 -8.49
CA ASP A 257 -0.83 1.13 -8.92
C ASP A 257 -2.19 1.76 -9.21
N GLY A 258 -3.16 0.93 -9.60
CA GLY A 258 -4.37 1.46 -10.21
C GLY A 258 -5.20 2.29 -9.25
N ASP A 259 -5.27 1.87 -7.99
CA ASP A 259 -6.02 2.61 -6.97
C ASP A 259 -5.13 3.52 -6.14
N PHE A 260 -3.89 3.73 -6.60
CA PHE A 260 -2.80 4.54 -6.06
C PHE A 260 -2.61 4.57 -4.55
N ASP A 261 -2.85 3.46 -3.85
CA ASP A 261 -2.35 3.35 -2.49
C ASP A 261 -0.91 2.85 -2.39
N ARG A 262 -0.27 2.51 -3.51
CA ARG A 262 1.17 2.30 -3.56
C ARG A 262 1.79 3.26 -4.56
N CYS A 263 2.92 3.85 -4.19
CA CYS A 263 3.71 4.62 -5.13
C CYS A 263 5.12 4.06 -5.18
N PHE A 264 5.77 4.30 -6.32
CA PHE A 264 7.08 3.75 -6.63
C PHE A 264 7.92 4.86 -7.22
N PHE A 265 9.20 4.87 -6.87
CA PHE A 265 10.09 5.99 -7.14
C PHE A 265 11.22 5.59 -8.05
N PHE A 266 11.58 6.53 -8.93
CA PHE A 266 12.66 6.36 -9.89
C PHE A 266 13.57 7.56 -9.72
N ASP A 267 14.87 7.35 -9.54
CA ASP A 267 15.72 8.51 -9.35
C ASP A 267 16.03 9.16 -10.70
N HIS A 268 16.81 10.24 -10.65
CA HIS A 268 17.11 11.01 -11.85
C HIS A 268 17.88 10.22 -12.90
N THR A 269 18.49 9.09 -12.53
CA THR A 269 19.15 8.25 -13.51
C THR A 269 18.20 7.23 -14.14
N GLY A 270 16.94 7.23 -13.72
CA GLY A 270 15.96 6.27 -14.16
C GLY A 270 15.90 5.02 -13.31
N ARG A 271 16.71 4.95 -12.26
CA ARG A 271 16.81 3.75 -11.44
C ARG A 271 15.60 3.60 -10.52
N PHE A 272 14.95 2.43 -10.59
CA PHE A 272 13.88 2.08 -9.67
CA PHE A 272 13.88 2.08 -9.67
C PHE A 272 14.45 1.92 -8.26
N ILE A 273 13.86 2.62 -7.29
CA ILE A 273 14.34 2.57 -5.92
CA ILE A 273 14.35 2.57 -5.92
C ILE A 273 13.64 1.44 -5.17
N GLU A 274 14.45 0.57 -4.55
CA GLU A 274 13.89 -0.50 -3.74
C GLU A 274 13.15 0.09 -2.54
N GLY A 275 11.90 -0.33 -2.34
CA GLY A 275 11.03 0.31 -1.35
C GLY A 275 11.54 0.25 0.08
N TYR A 276 12.39 -0.74 0.41
CA TYR A 276 13.00 -0.78 1.74
C TYR A 276 13.56 0.57 2.15
N TYR A 277 14.32 1.22 1.25
CA TYR A 277 15.03 2.42 1.61
C TYR A 277 14.11 3.62 1.78
N LEU A 278 12.91 3.55 1.23
CA LEU A 278 11.96 4.64 1.40
C LEU A 278 11.41 4.70 2.82
N VAL A 279 11.35 3.56 3.51
CA VAL A 279 10.85 3.59 4.90
C VAL A 279 11.77 4.45 5.76
N GLY A 280 13.09 4.24 5.67
CA GLY A 280 14.00 5.05 6.45
C GLY A 280 13.98 6.51 6.03
N LEU A 281 13.86 6.74 4.72
CA LEU A 281 13.87 8.11 4.21
C LEU A 281 12.63 8.86 4.66
N LEU A 282 11.45 8.23 4.56
CA LEU A 282 10.23 8.92 4.96
C LEU A 282 10.19 9.09 6.47
N ALA A 283 10.73 8.12 7.22
CA ALA A 283 10.78 8.26 8.67
C ALA A 283 11.60 9.47 9.07
N GLN A 284 12.77 9.66 8.45
CA GLN A 284 13.61 10.80 8.77
CA GLN A 284 13.60 10.81 8.80
C GLN A 284 12.92 12.11 8.37
N ALA A 285 12.26 12.12 7.21
CA ALA A 285 11.53 13.31 6.78
C ALA A 285 10.40 13.66 7.75
N ILE A 286 9.66 12.66 8.21
CA ILE A 286 8.55 12.89 9.14
C ILE A 286 9.08 13.29 10.51
N LEU A 287 10.13 12.61 10.98
CA LEU A 287 10.63 12.87 12.32
C LEU A 287 11.22 14.26 12.45
N ALA A 288 11.56 14.90 11.33
CA ALA A 288 11.96 16.31 11.39
C ALA A 288 10.82 17.18 11.90
N LYS A 289 9.61 16.97 11.36
CA LYS A 289 8.47 17.76 11.79
C LYS A 289 8.01 17.35 13.19
N GLN A 290 7.94 16.06 13.43
CA GLN A 290 7.36 15.47 14.64
C GLN A 290 8.46 14.82 15.50
N PRO A 291 9.17 15.59 16.32
CA PRO A 291 10.35 15.04 17.01
C PRO A 291 9.98 13.99 18.05
N GLY A 292 10.83 12.96 18.15
CA GLY A 292 10.68 11.93 19.16
C GLY A 292 9.60 10.92 18.90
N GLY A 293 9.04 10.86 17.71
CA GLY A 293 7.92 9.97 17.48
C GLY A 293 8.33 8.53 17.30
N LYS A 294 7.33 7.67 17.43
CA LYS A 294 7.51 6.27 17.12
C LYS A 294 7.25 6.00 15.66
N VAL A 295 8.03 5.08 15.11
CA VAL A 295 7.89 4.67 13.72
C VAL A 295 7.77 3.15 13.72
N VAL A 296 6.69 2.64 13.11
CA VAL A 296 6.45 1.21 13.00
C VAL A 296 7.02 0.72 11.67
N HIS A 297 7.68 -0.44 11.71
CA HIS A 297 8.25 -1.05 10.53
C HIS A 297 8.04 -2.56 10.60
N ASP A 298 8.17 -3.23 9.45
CA ASP A 298 7.91 -4.67 9.39
C ASP A 298 9.21 -5.43 9.62
N PRO A 299 9.18 -6.76 9.74
CA PRO A 299 10.40 -7.48 10.10
C PRO A 299 11.20 -8.00 8.92
N ARG A 300 10.79 -7.71 7.69
CA ARG A 300 11.46 -8.34 6.54
C ARG A 300 12.86 -7.77 6.36
N LEU A 301 12.96 -6.45 6.32
CA LEU A 301 14.22 -5.74 6.22
C LEU A 301 14.16 -4.64 7.27
N THR A 302 15.20 -4.55 8.12
CA THR A 302 15.06 -3.80 9.35
C THR A 302 16.21 -2.86 9.65
N TRP A 303 17.47 -3.29 9.43
CA TRP A 303 18.61 -2.58 10.00
C TRP A 303 18.65 -1.11 9.57
N ASN A 304 18.37 -0.84 8.29
CA ASN A 304 18.47 0.54 7.82
C ASN A 304 17.42 1.42 8.47
N THR A 305 16.20 0.90 8.59
CA THR A 305 15.11 1.66 9.21
C THR A 305 15.40 1.93 10.68
N VAL A 306 15.83 0.91 11.42
CA VAL A 306 16.18 1.11 12.82
C VAL A 306 17.22 2.22 12.95
N GLU A 307 18.31 2.14 12.17
CA GLU A 307 19.36 3.15 12.28
C GLU A 307 18.84 4.53 11.91
N GLN A 308 18.12 4.64 10.78
CA GLN A 308 17.69 5.97 10.33
C GLN A 308 16.68 6.57 11.31
N VAL A 309 15.77 5.76 11.83
CA VAL A 309 14.81 6.26 12.80
C VAL A 309 15.53 6.77 14.05
N GLU A 310 16.45 5.95 14.58
CA GLU A 310 17.17 6.34 15.79
C GLU A 310 18.01 7.58 15.57
N GLU A 311 18.68 7.69 14.42
CA GLU A 311 19.51 8.86 14.18
C GLU A 311 18.68 10.13 14.04
N ALA A 312 17.41 10.00 13.64
CA ALA A 312 16.51 11.15 13.56
C ALA A 312 15.80 11.42 14.87
N GLY A 313 16.16 10.73 15.94
CA GLY A 313 15.55 10.94 17.23
C GLY A 313 14.22 10.26 17.42
N GLY A 314 13.86 9.32 16.55
CA GLY A 314 12.64 8.56 16.71
C GLY A 314 12.88 7.22 17.39
N ILE A 315 11.77 6.51 17.62
CA ILE A 315 11.82 5.20 18.25
C ILE A 315 11.25 4.16 17.29
N PRO A 316 12.05 3.23 16.79
CA PRO A 316 11.52 2.21 15.87
C PRO A 316 10.77 1.11 16.61
N VAL A 317 9.66 0.66 16.01
CA VAL A 317 8.79 -0.32 16.63
C VAL A 317 8.58 -1.46 15.64
N LEU A 318 9.15 -2.63 15.94
CA LEU A 318 8.99 -3.82 15.12
C LEU A 318 7.55 -4.34 15.14
N CYS A 319 7.03 -4.70 13.97
CA CYS A 319 5.67 -5.14 13.85
C CYS A 319 5.56 -6.17 12.74
N LYS A 320 4.68 -7.14 12.94
CA LYS A 320 4.32 -8.08 11.88
C LYS A 320 3.90 -7.34 10.62
N SER A 321 4.30 -7.85 9.46
CA SER A 321 3.93 -7.20 8.22
C SER A 321 2.44 -7.42 7.92
N GLY A 322 1.89 -6.49 7.14
CA GLY A 322 0.47 -6.56 6.77
C GLY A 322 -0.19 -5.34 7.35
N HIS A 323 -1.05 -4.70 6.55
CA HIS A 323 -1.58 -3.39 6.93
C HIS A 323 -2.41 -3.45 8.21
N ALA A 324 -3.11 -4.56 8.47
CA ALA A 324 -3.93 -4.63 9.67
C ALA A 324 -3.06 -4.64 10.93
N PHE A 325 -1.96 -5.40 10.91
CA PHE A 325 -1.04 -5.42 12.05
C PHE A 325 -0.34 -4.08 12.21
N ILE A 326 0.11 -3.49 11.09
CA ILE A 326 0.84 -2.23 11.16
C ILE A 326 -0.05 -1.14 11.74
N LYS A 327 -1.27 -1.01 11.20
CA LYS A 327 -2.18 0.04 11.67
C LYS A 327 -2.53 -0.15 13.14
N GLU A 328 -2.79 -1.38 13.58
CA GLU A 328 -3.15 -1.55 14.98
C GLU A 328 -1.95 -1.26 15.89
N LYS A 329 -0.74 -1.63 15.46
CA LYS A 329 0.45 -1.29 16.25
C LYS A 329 0.69 0.21 16.28
N MET A 330 0.49 0.90 15.15
CA MET A 330 0.65 2.36 15.15
C MET A 330 -0.32 3.00 16.11
N ARG A 331 -1.57 2.51 16.13
CA ARG A 331 -2.58 3.05 17.03
C ARG A 331 -2.17 2.87 18.48
N SER A 332 -1.78 1.65 18.85
CA SER A 332 -1.45 1.37 20.24
C SER A 332 -0.21 2.14 20.69
N GLU A 333 0.67 2.50 19.75
CA GLU A 333 1.90 3.20 20.07
C GLU A 333 1.83 4.71 19.84
N ASN A 334 0.70 5.22 19.32
CA ASN A 334 0.64 6.62 18.87
C ASN A 334 1.75 6.93 17.87
N ALA A 335 2.07 5.95 17.02
CA ALA A 335 3.16 6.11 16.08
C ALA A 335 2.80 7.10 14.98
N VAL A 336 3.76 7.96 14.64
CA VAL A 336 3.50 9.01 13.66
C VAL A 336 3.53 8.47 12.25
N TYR A 337 4.27 7.38 12.02
CA TYR A 337 4.53 6.88 10.67
C TYR A 337 4.81 5.39 10.79
N GLY A 338 4.32 4.64 9.81
CA GLY A 338 4.62 3.23 9.65
C GLY A 338 4.91 2.96 8.19
N GLY A 339 5.88 2.08 7.91
CA GLY A 339 6.22 1.81 6.53
C GLY A 339 6.60 0.38 6.31
N GLU A 340 6.16 -0.20 5.20
CA GLU A 340 6.58 -1.54 4.80
C GLU A 340 7.49 -1.42 3.59
N MET A 341 8.38 -2.41 3.43
CA MET A 341 9.27 -2.37 2.28
CA MET A 341 9.27 -2.37 2.28
C MET A 341 8.52 -2.48 0.96
N SER A 342 7.29 -3.01 0.98
CA SER A 342 6.52 -3.27 -0.23
C SER A 342 5.61 -2.12 -0.61
N ALA A 343 6.10 -0.89 -0.41
CA ALA A 343 5.49 0.33 -0.94
C ALA A 343 4.16 0.62 -0.23
N HIS A 344 4.11 0.40 1.08
CA HIS A 344 2.96 0.80 1.87
C HIS A 344 3.47 1.76 2.94
N HIS A 345 2.89 2.96 2.98
CA HIS A 345 3.29 3.97 3.93
C HIS A 345 2.06 4.50 4.65
N TYR A 346 2.08 4.47 5.98
CA TYR A 346 0.91 4.80 6.80
C TYR A 346 1.22 6.01 7.65
N PHE A 347 0.21 6.88 7.85
CA PHE A 347 0.41 8.15 8.52
C PHE A 347 -0.67 8.37 9.57
N ARG A 348 -0.24 8.61 10.82
CA ARG A 348 -1.18 8.82 11.93
C ARG A 348 -2.22 9.90 11.61
N GLU A 349 -1.78 11.04 11.06
CA GLU A 349 -2.69 12.15 10.79
C GLU A 349 -3.67 11.84 9.68
N PHE A 350 -3.36 10.84 8.86
CA PHE A 350 -4.25 10.33 7.82
C PHE A 350 -5.10 9.17 8.31
N ALA A 351 -5.61 9.25 9.55
CA ALA A 351 -6.42 8.19 10.14
C ALA A 351 -5.66 6.86 10.20
N TYR A 352 -4.35 6.94 10.43
CA TYR A 352 -3.46 5.79 10.45
C TYR A 352 -3.51 4.98 9.16
N ALA A 353 -3.91 5.61 8.06
CA ALA A 353 -4.12 4.86 6.84
C ALA A 353 -2.97 5.08 5.87
N ASP A 354 -2.95 4.25 4.85
CA ASP A 354 -1.91 4.34 3.86
C ASP A 354 -2.32 5.29 2.73
N SER A 355 -1.32 5.98 2.20
CA SER A 355 -1.49 6.92 1.10
C SER A 355 -0.39 6.70 0.08
N GLY A 356 -0.78 6.74 -1.21
CA GLY A 356 0.19 6.75 -2.29
C GLY A 356 0.55 8.15 -2.73
N MET A 357 -0.04 9.16 -2.10
CA MET A 357 0.20 10.56 -2.44
C MET A 357 1.12 11.25 -1.43
N ILE A 358 0.84 11.10 -0.14
CA ILE A 358 1.69 11.71 0.88
C ILE A 358 3.16 11.36 0.69
N PRO A 359 3.54 10.11 0.34
CA PRO A 359 4.97 9.82 0.24
C PRO A 359 5.73 10.65 -0.79
N TRP A 360 5.18 10.84 -2.00
CA TRP A 360 5.96 11.60 -2.97
C TRP A 360 5.96 13.09 -2.64
N LEU A 361 4.92 13.59 -1.97
CA LEU A 361 4.98 14.97 -1.51
C LEU A 361 6.11 15.15 -0.50
N LEU A 362 6.23 14.22 0.46
CA LEU A 362 7.32 14.31 1.44
C LEU A 362 8.68 14.21 0.77
N ILE A 363 8.83 13.32 -0.21
CA ILE A 363 10.11 13.16 -0.90
CA ILE A 363 10.12 13.18 -0.88
C ILE A 363 10.42 14.39 -1.73
N ALA A 364 9.42 14.94 -2.43
CA ALA A 364 9.66 16.17 -3.17
C ALA A 364 10.12 17.28 -2.23
N GLU A 365 9.56 17.33 -1.02
CA GLU A 365 9.99 18.36 -0.06
C GLU A 365 11.41 18.09 0.42
N LEU A 366 11.74 16.82 0.68
CA LEU A 366 13.08 16.47 1.12
C LEU A 366 14.12 16.84 0.07
N VAL A 367 13.85 16.52 -1.19
CA VAL A 367 14.78 16.88 -2.26
C VAL A 367 14.89 18.40 -2.35
N SER A 368 13.75 19.10 -2.26
CA SER A 368 13.76 20.56 -2.36
C SER A 368 14.56 21.18 -1.23
N GLN A 369 14.37 20.68 -0.01
CA GLN A 369 14.94 21.34 1.15
C GLN A 369 16.41 20.98 1.34
N SER A 370 16.81 19.77 0.94
CA SER A 370 18.15 19.29 1.23
C SER A 370 19.17 19.69 0.17
N GLY A 371 18.70 20.05 -1.02
CA GLY A 371 19.58 20.23 -2.15
C GLY A 371 20.22 18.96 -2.66
N ARG A 372 19.77 17.80 -2.20
CA ARG A 372 20.33 16.53 -2.65
C ARG A 372 19.39 15.83 -3.61
N SER A 373 19.96 15.04 -4.52
CA SER A 373 19.12 14.26 -5.41
C SER A 373 18.56 13.06 -4.66
N LEU A 374 17.40 12.57 -5.10
CA LEU A 374 16.87 11.34 -4.53
C LEU A 374 17.90 10.23 -4.59
N ALA A 375 18.62 10.14 -5.71
CA ALA A 375 19.69 9.16 -5.86
C ALA A 375 20.67 9.23 -4.70
N ASP A 376 21.17 10.43 -4.40
CA ASP A 376 22.19 10.55 -3.37
C ASP A 376 21.59 10.36 -1.98
N LEU A 377 20.32 10.70 -1.80
CA LEU A 377 19.70 10.50 -0.49
C LEU A 377 19.68 9.04 -0.09
N VAL A 378 19.51 8.15 -1.06
CA VAL A 378 19.41 6.73 -0.74
C VAL A 378 20.70 5.97 -1.01
N GLU A 379 21.63 6.54 -1.79
CA GLU A 379 22.79 5.78 -2.21
C GLU A 379 23.61 5.30 -1.01
N ALA A 380 23.86 6.17 -0.02
CA ALA A 380 24.72 5.71 1.07
C ALA A 380 23.99 4.72 1.96
N ARG A 381 22.66 4.80 2.01
CA ARG A 381 21.87 3.79 2.72
C ARG A 381 21.92 2.45 2.01
N MET A 382 21.88 2.45 0.68
CA MET A 382 21.99 1.21 -0.08
C MET A 382 23.37 0.59 0.08
N GLN A 383 24.42 1.41 0.17
CA GLN A 383 25.76 0.87 0.36
C GLN A 383 25.91 0.32 1.77
N LYS A 384 25.28 0.97 2.74
CA LYS A 384 25.43 0.53 4.12
C LYS A 384 24.65 -0.75 4.41
N PHE A 385 23.47 -0.91 3.82
CA PHE A 385 22.60 -2.05 4.09
C PHE A 385 22.07 -2.61 2.78
N PRO A 386 22.94 -3.23 1.98
CA PRO A 386 22.48 -3.85 0.74
C PRO A 386 21.52 -4.98 1.05
N CYS A 387 20.50 -5.12 0.21
CA CYS A 387 19.46 -6.11 0.45
C CYS A 387 19.15 -6.85 -0.84
N SER A 388 18.61 -8.05 -0.66
CA SER A 388 18.32 -8.94 -1.78
C SER A 388 17.09 -8.50 -2.56
N GLY A 389 16.24 -7.65 -1.99
CA GLY A 389 14.87 -7.56 -2.42
C GLY A 389 14.10 -8.82 -2.03
N GLU A 390 12.77 -8.73 -2.09
CA GLU A 390 11.95 -9.88 -1.75
C GLU A 390 12.00 -10.90 -2.88
N ILE A 391 12.38 -12.13 -2.54
CA ILE A 391 12.45 -13.22 -3.51
C ILE A 391 11.44 -14.28 -3.13
N ASN A 392 10.59 -14.66 -4.07
CA ASN A 392 9.52 -15.61 -3.80
C ASN A 392 9.88 -17.00 -4.31
N PHE A 393 9.45 -18.02 -3.55
CA PHE A 393 9.76 -19.40 -3.87
C PHE A 393 8.48 -20.22 -3.77
N LYS A 394 8.02 -20.76 -4.90
CA LYS A 394 6.95 -21.75 -4.90
C LYS A 394 7.61 -23.12 -4.72
N VAL A 395 7.35 -23.76 -3.59
CA VAL A 395 8.00 -25.02 -3.27
C VAL A 395 6.96 -26.10 -3.01
N ALA A 396 7.42 -27.35 -3.02
CA ALA A 396 6.50 -28.46 -2.82
C ALA A 396 6.04 -28.58 -1.37
N ASP A 397 6.89 -28.17 -0.42
CA ASP A 397 6.59 -28.34 1.00
C ASP A 397 7.29 -27.19 1.72
N ALA A 398 6.52 -26.13 2.02
CA ALA A 398 7.15 -24.95 2.60
C ALA A 398 7.75 -25.25 3.96
N LYS A 399 7.05 -26.03 4.79
CA LYS A 399 7.55 -26.30 6.13
C LYS A 399 8.86 -27.07 6.06
N ALA A 400 8.93 -28.08 5.19
CA ALA A 400 10.17 -28.82 5.00
C ALA A 400 11.27 -27.95 4.43
N SER A 401 10.93 -27.00 3.55
CA SER A 401 11.95 -26.14 2.97
C SER A 401 12.55 -25.23 4.04
N VAL A 402 11.70 -24.61 4.84
CA VAL A 402 12.18 -23.76 5.93
C VAL A 402 13.08 -24.57 6.86
N ALA A 403 12.64 -25.78 7.23
CA ALA A 403 13.45 -26.63 8.09
C ALA A 403 14.82 -26.90 7.47
N ARG A 404 14.87 -27.15 6.16
CA ARG A 404 16.16 -27.35 5.49
C ARG A 404 17.08 -26.15 5.68
N VAL A 405 16.53 -24.93 5.57
CA VAL A 405 17.33 -23.72 5.76
C VAL A 405 17.82 -23.63 7.21
N MET A 406 16.91 -23.83 8.16
CA MET A 406 17.28 -23.61 9.55
C MET A 406 18.27 -24.66 10.04
N GLU A 407 18.15 -25.89 9.57
CA GLU A 407 19.11 -26.92 9.95
C GLU A 407 20.50 -26.60 9.41
N HIS A 408 20.55 -26.05 8.19
CA HIS A 408 21.83 -25.71 7.60
C HIS A 408 22.59 -24.67 8.43
N TYR A 409 21.89 -23.67 8.94
CA TYR A 409 22.50 -22.54 9.64
C TYR A 409 22.55 -22.74 11.14
N ALA A 410 22.05 -23.87 11.65
CA ALA A 410 21.91 -24.05 13.10
C ALA A 410 23.25 -23.90 13.82
N SER A 411 24.33 -24.42 13.24
CA SER A 411 25.62 -24.41 13.91
C SER A 411 26.21 -23.00 14.05
N LEU A 412 25.68 -22.01 13.33
CA LEU A 412 26.14 -20.64 13.48
C LEU A 412 25.46 -19.90 14.63
N SER A 413 24.44 -20.51 15.24
CA SER A 413 23.75 -19.96 16.39
C SER A 413 23.19 -18.56 16.14
N PRO A 414 22.42 -18.34 15.08
CA PRO A 414 21.86 -17.01 14.86
C PRO A 414 20.87 -16.65 15.96
N GLU A 415 20.68 -15.34 16.12
CA GLU A 415 19.61 -14.82 16.96
C GLU A 415 18.31 -14.93 16.19
N LEU A 416 17.32 -15.57 16.80
CA LEU A 416 16.10 -15.95 16.11
C LEU A 416 14.92 -15.15 16.65
N ASP A 417 14.06 -14.69 15.75
CA ASP A 417 12.87 -13.95 16.13
C ASP A 417 11.70 -14.44 15.30
N TYR A 418 10.56 -14.67 15.94
CA TYR A 418 9.39 -15.28 15.30
C TYR A 418 8.22 -14.30 15.20
N THR A 419 8.51 -13.00 15.12
CA THR A 419 7.45 -12.01 14.95
C THR A 419 6.64 -12.26 13.68
N ASP A 420 7.30 -12.74 12.62
CA ASP A 420 6.63 -12.86 11.34
C ASP A 420 7.46 -13.85 10.51
N GLY A 421 7.09 -15.13 10.61
CA GLY A 421 7.91 -16.16 10.01
C GLY A 421 9.17 -16.35 10.86
N ILE A 422 10.33 -16.44 10.22
CA ILE A 422 11.57 -16.60 10.96
C ILE A 422 12.54 -15.52 10.54
N SER A 423 13.06 -14.77 11.51
CA SER A 423 14.16 -13.86 11.29
C SER A 423 15.39 -14.43 11.98
N ALA A 424 16.50 -14.46 11.27
CA ALA A 424 17.75 -15.01 11.78
C ALA A 424 18.83 -13.95 11.60
N ASP A 425 19.43 -13.52 12.70
CA ASP A 425 20.45 -12.47 12.71
C ASP A 425 21.79 -13.12 13.02
N PHE A 426 22.70 -13.11 12.05
CA PHE A 426 24.00 -13.75 12.15
C PHE A 426 25.12 -12.78 12.53
N GLY A 427 24.79 -11.52 12.78
CA GLY A 427 25.79 -10.52 13.08
C GLY A 427 25.98 -9.56 11.91
N GLN A 428 26.72 -9.98 10.89
CA GLN A 428 26.93 -9.13 9.71
C GLN A 428 25.89 -9.35 8.63
N TRP A 429 25.01 -10.33 8.78
CA TRP A 429 23.92 -10.50 7.83
C TRP A 429 22.73 -11.11 8.57
N ARG A 430 21.56 -10.96 7.95
CA ARG A 430 20.32 -11.48 8.50
C ARG A 430 19.38 -11.82 7.36
N PHE A 431 18.41 -12.69 7.67
CA PHE A 431 17.35 -12.93 6.71
C PHE A 431 16.02 -13.04 7.44
N ASN A 432 14.96 -12.86 6.67
CA ASN A 432 13.61 -13.15 7.10
C ASN A 432 12.99 -14.07 6.07
N LEU A 433 12.32 -15.12 6.55
CA LEU A 433 11.67 -16.10 5.70
C LEU A 433 10.25 -16.28 6.17
N ARG A 434 9.28 -15.98 5.30
CA ARG A 434 7.86 -15.97 5.65
C ARG A 434 7.06 -16.79 4.65
N SER A 435 6.02 -17.43 5.17
CA SER A 435 4.90 -17.86 4.34
C SER A 435 3.96 -16.67 4.16
N SER A 436 3.51 -16.44 2.94
CA SER A 436 2.66 -15.29 2.69
C SER A 436 1.24 -15.54 3.21
N ASN A 437 0.61 -14.46 3.69
CA ASN A 437 -0.78 -14.53 4.14
C ASN A 437 -1.76 -14.34 2.99
N THR A 438 -1.28 -14.03 1.78
CA THR A 438 -2.14 -13.83 0.62
C THR A 438 -1.85 -14.79 -0.53
N GLU A 439 -0.72 -15.48 -0.53
CA GLU A 439 -0.32 -16.45 -1.56
C GLU A 439 0.38 -17.62 -0.88
N PRO A 440 0.38 -18.82 -1.51
CA PRO A 440 0.97 -20.00 -0.85
C PRO A 440 2.46 -20.14 -1.09
N LEU A 441 3.20 -19.04 -0.98
CA LEU A 441 4.62 -18.97 -1.30
C LEU A 441 5.46 -18.81 -0.04
N LEU A 442 6.76 -19.08 -0.19
CA LEU A 442 7.77 -18.61 0.75
C LEU A 442 8.42 -17.35 0.21
N ARG A 443 8.60 -16.36 1.07
CA ARG A 443 9.20 -15.08 0.69
C ARG A 443 10.46 -14.86 1.51
N LEU A 444 11.54 -14.51 0.81
CA LEU A 444 12.86 -14.38 1.41
C LEU A 444 13.37 -12.95 1.28
N ASN A 445 13.89 -12.40 2.37
CA ASN A 445 14.62 -11.13 2.34
C ASN A 445 15.93 -11.30 3.09
N VAL A 446 17.01 -10.84 2.46
CA VAL A 446 18.35 -10.91 3.06
C VAL A 446 18.94 -9.51 3.05
N GLU A 447 19.70 -9.17 4.10
CA GLU A 447 20.48 -7.93 4.06
C GLU A 447 21.78 -8.13 4.84
N THR A 448 22.77 -7.28 4.57
CA THR A 448 24.07 -7.39 5.20
C THR A 448 24.54 -6.02 5.66
N ARG A 449 25.62 -6.03 6.45
CA ARG A 449 26.22 -4.77 6.91
C ARG A 449 27.30 -4.39 5.92
N GLY A 450 26.88 -3.71 4.86
CA GLY A 450 27.80 -3.14 3.89
C GLY A 450 28.60 -4.13 3.08
N ASP A 451 28.11 -5.36 2.92
CA ASP A 451 28.86 -6.42 2.24
C ASP A 451 28.01 -7.01 1.12
N ALA A 452 28.23 -6.51 -0.10
CA ALA A 452 27.50 -7.01 -1.25
C ALA A 452 27.87 -8.45 -1.58
N ALA A 453 29.14 -8.83 -1.38
CA ALA A 453 29.55 -10.20 -1.67
C ALA A 453 28.86 -11.18 -0.74
N LEU A 454 28.88 -10.91 0.57
CA LEU A 454 28.18 -11.73 1.55
C LEU A 454 26.69 -11.81 1.22
N LEU A 455 26.10 -10.69 0.79
CA LEU A 455 24.69 -10.68 0.44
C LEU A 455 24.38 -11.71 -0.66
N GLU A 456 25.19 -11.72 -1.71
CA GLU A 456 24.91 -12.61 -2.83
C GLU A 456 25.20 -14.07 -2.46
N THR A 457 26.32 -14.36 -1.79
CA THR A 457 26.61 -15.76 -1.50
C THR A 457 25.58 -16.35 -0.54
N ARG A 458 25.14 -15.57 0.45
CA ARG A 458 24.12 -16.08 1.37
C ARG A 458 22.77 -16.20 0.69
N THR A 459 22.39 -15.21 -0.13
CA THR A 459 21.13 -15.28 -0.85
C THR A 459 21.09 -16.50 -1.77
N GLN A 460 22.19 -16.77 -2.46
CA GLN A 460 22.21 -17.93 -3.33
C GLN A 460 22.22 -19.23 -2.52
N GLU A 461 22.92 -19.25 -1.39
CA GLU A 461 22.91 -20.43 -0.52
C GLU A 461 21.51 -20.76 -0.04
N ILE A 462 20.80 -19.74 0.47
CA ILE A 462 19.44 -19.96 0.95
C ILE A 462 18.54 -20.38 -0.20
N SER A 463 18.70 -19.75 -1.36
CA SER A 463 17.90 -20.08 -2.53
C SER A 463 18.05 -21.56 -2.89
N ASN A 464 19.28 -22.06 -2.91
CA ASN A 464 19.51 -23.48 -3.22
C ASN A 464 18.86 -24.39 -2.18
N LEU A 465 18.96 -24.04 -0.89
CA LEU A 465 18.33 -24.85 0.14
C LEU A 465 16.82 -24.89 -0.03
N LEU A 466 16.21 -23.73 -0.31
CA LEU A 466 14.76 -23.67 -0.44
C LEU A 466 14.27 -24.49 -1.61
N ARG A 467 15.00 -24.44 -2.74
CA ARG A 467 14.63 -25.21 -3.90
C ARG A 467 14.96 -26.69 -3.75
N GLY A 468 15.85 -27.05 -2.83
CA GLY A 468 16.30 -28.42 -2.69
C GLY A 468 15.22 -29.42 -2.31
#